data_2ECU
#
_entry.id   2ECU
#
_cell.length_a   41.587
_cell.length_b   43.690
_cell.length_c   74.715
_cell.angle_alpha   90.00
_cell.angle_beta   92.88
_cell.angle_gamma   90.00
#
_symmetry.space_group_name_H-M   'P 1 21 1'
#
loop_
_entity.id
_entity.type
_entity.pdbx_description
1 polymer 'flavin reductase (HpaC) of 4-hydroxyphenylacetate 3-monooxygnease'
2 non-polymer 2-(2-{2-[2-(2-METHOXY-ETHOXY)-ETHOXY]-ETHOXY}-ETHOXY)-ETHANOL
3 non-polymer 'DODECAETHYLENE GLYCOL'
4 water water
#
_entity_poly.entity_id   1
_entity_poly.type   'polypeptide(L)'
_entity_poly.pdbx_seq_one_letter_code
;MKEAFKEALARFASGVTVVAARLGEEERGMTATAFMSLSLEPPLVALAVSERAKLLPVLEGAGAFTVSLLREGQEAVSEH
FAGRPKEGIALEEGRVKGALAVLRCRLHALYPGGDHRIVVGLVEEVELGEGGPPLVYFQRGYRRLVWPS
;
_entity_poly.pdbx_strand_id   A,B
#
# COMPACT_ATOMS: atom_id res chain seq x y z
N MET A 1 13.73 11.97 14.37
CA MET A 1 13.85 12.68 13.06
C MET A 1 12.63 12.42 12.17
N LYS A 2 12.43 13.30 11.19
CA LYS A 2 11.33 13.20 10.24
C LYS A 2 9.99 12.90 10.90
N GLU A 3 9.73 13.57 12.03
CA GLU A 3 8.50 13.37 12.78
C GLU A 3 7.22 13.57 11.97
N ALA A 4 7.12 14.68 11.23
CA ALA A 4 5.90 14.94 10.45
C ALA A 4 5.65 13.87 9.39
N PHE A 5 6.70 13.49 8.68
CA PHE A 5 6.60 12.47 7.64
C PHE A 5 6.13 11.15 8.25
N LYS A 6 6.71 10.78 9.38
CA LYS A 6 6.31 9.54 10.06
C LYS A 6 4.86 9.61 10.52
N GLU A 7 4.43 10.77 10.99
CA GLU A 7 3.06 10.94 11.46
C GLU A 7 2.10 10.80 10.28
N ALA A 8 2.46 11.38 9.14
CA ALA A 8 1.61 11.28 7.96
C ALA A 8 1.43 9.82 7.54
N LEU A 9 2.54 9.07 7.54
CA LEU A 9 2.47 7.66 7.17
C LEU A 9 1.68 6.84 8.18
N ALA A 10 1.74 7.25 9.45
CA ALA A 10 1.00 6.55 10.48
C ALA A 10 -0.48 6.78 10.27
N ARG A 11 -0.81 7.74 9.42
CA ARG A 11 -2.21 8.04 9.12
C ARG A 11 -2.73 7.33 7.88
N PHE A 12 -1.89 6.50 7.27
CA PHE A 12 -2.34 5.72 6.13
C PHE A 12 -2.60 4.31 6.66
N ALA A 13 -3.86 3.94 6.72
CA ALA A 13 -4.24 2.62 7.21
C ALA A 13 -3.90 1.58 6.17
N SER A 14 -3.58 0.37 6.62
CA SER A 14 -3.29 -0.69 5.68
C SER A 14 -3.42 -2.05 6.32
N GLY A 15 -3.57 -3.05 5.47
CA GLY A 15 -3.62 -4.41 5.97
C GLY A 15 -2.18 -4.74 6.35
N VAL A 16 -1.96 -5.94 6.86
CA VAL A 16 -0.64 -6.38 7.26
C VAL A 16 -0.35 -7.68 6.54
N THR A 17 0.84 -7.77 5.95
CA THR A 17 1.22 -8.97 5.22
C THR A 17 2.49 -9.56 5.79
N VAL A 18 2.77 -10.79 5.38
CA VAL A 18 4.00 -11.46 5.73
C VAL A 18 4.56 -11.89 4.38
N VAL A 19 5.74 -11.41 4.06
CA VAL A 19 6.41 -11.74 2.80
C VAL A 19 7.43 -12.82 3.14
N ALA A 20 7.44 -13.89 2.37
CA ALA A 20 8.38 -14.97 2.65
C ALA A 20 9.03 -15.53 1.41
N ALA A 21 10.24 -16.06 1.59
CA ALA A 21 10.98 -16.66 0.49
C ALA A 21 11.82 -17.80 1.05
N ARG A 22 12.18 -18.73 0.18
CA ARG A 22 12.97 -19.87 0.61
C ARG A 22 13.95 -20.31 -0.46
N LEU A 23 15.15 -20.65 -0.01
CA LEU A 23 16.20 -21.14 -0.90
C LEU A 23 16.68 -22.42 -0.20
N GLY A 24 16.27 -23.57 -0.74
CA GLY A 24 16.63 -24.84 -0.14
C GLY A 24 15.78 -24.99 1.12
N GLU A 25 16.42 -25.14 2.27
CA GLU A 25 15.70 -25.28 3.53
C GLU A 25 15.80 -23.97 4.31
N GLU A 26 16.45 -22.97 3.72
CA GLU A 26 16.62 -21.66 4.35
C GLU A 26 15.40 -20.79 4.00
N GLU A 27 14.52 -20.61 4.97
CA GLU A 27 13.31 -19.82 4.75
C GLU A 27 13.23 -18.60 5.67
N ARG A 28 12.78 -17.48 5.11
CA ARG A 28 12.66 -16.23 5.86
C ARG A 28 11.29 -15.59 5.65
N GLY A 29 10.72 -15.07 6.73
CA GLY A 29 9.44 -14.39 6.67
C GLY A 29 9.63 -12.99 7.22
N MET A 30 8.92 -12.01 6.66
CA MET A 30 9.05 -10.63 7.12
C MET A 30 7.72 -9.91 7.04
N THR A 31 7.30 -9.32 8.16
CA THR A 31 6.05 -8.59 8.20
C THR A 31 6.20 -7.28 7.42
N ALA A 32 5.20 -6.97 6.60
CA ALA A 32 5.25 -5.75 5.82
C ALA A 32 3.86 -5.14 5.59
N THR A 33 3.77 -3.83 5.78
CA THR A 33 2.54 -3.11 5.52
C THR A 33 2.70 -2.42 4.17
N ALA A 34 3.96 -2.30 3.73
CA ALA A 34 4.28 -1.67 2.45
C ALA A 34 4.04 -2.67 1.31
N PHE A 35 2.77 -2.83 0.95
CA PHE A 35 2.34 -3.74 -0.10
C PHE A 35 1.23 -3.05 -0.87
N MET A 36 1.20 -3.25 -2.19
CA MET A 36 0.13 -2.64 -2.99
C MET A 36 -0.03 -3.38 -4.30
N SER A 37 -1.26 -3.38 -4.83
CA SER A 37 -1.50 -4.00 -6.11
C SER A 37 -0.79 -3.09 -7.12
N LEU A 38 -0.33 -3.64 -8.23
CA LEU A 38 0.35 -2.83 -9.21
C LEU A 38 -0.22 -2.93 -10.62
N SER A 39 -0.46 -4.15 -11.09
CA SER A 39 -0.96 -4.33 -12.44
C SER A 39 -1.92 -5.51 -12.56
N LEU A 40 -2.84 -5.42 -13.53
CA LEU A 40 -3.80 -6.50 -13.77
C LEU A 40 -3.24 -7.39 -14.87
N GLU A 41 -2.75 -6.78 -15.94
CA GLU A 41 -2.16 -7.53 -17.04
C GLU A 41 -0.79 -6.94 -17.39
N PRO A 42 0.29 -7.63 -16.98
CA PRO A 42 0.28 -8.88 -16.23
C PRO A 42 -0.11 -8.63 -14.78
N PRO A 43 -0.45 -9.69 -14.03
CA PRO A 43 -0.84 -9.56 -12.62
C PRO A 43 0.38 -9.30 -11.74
N LEU A 44 0.57 -8.05 -11.32
CA LEU A 44 1.71 -7.68 -10.52
C LEU A 44 1.35 -7.00 -9.21
N VAL A 45 2.22 -7.17 -8.22
CA VAL A 45 2.08 -6.52 -6.93
C VAL A 45 3.46 -5.94 -6.59
N ALA A 46 3.49 -4.92 -5.75
CA ALA A 46 4.75 -4.30 -5.36
C ALA A 46 4.86 -4.22 -3.85
N LEU A 47 6.09 -4.33 -3.35
CA LEU A 47 6.33 -4.26 -1.93
C LEU A 47 7.64 -3.54 -1.66
N ALA A 48 7.78 -3.01 -0.45
CA ALA A 48 9.00 -2.33 -0.05
C ALA A 48 9.68 -3.22 0.96
N VAL A 49 10.91 -3.65 0.65
CA VAL A 49 11.66 -4.51 1.55
C VAL A 49 12.93 -3.79 1.95
N SER A 50 13.18 -3.68 3.26
CA SER A 50 14.37 -3.01 3.76
C SER A 50 15.64 -3.59 3.15
N GLU A 51 16.58 -2.70 2.81
CA GLU A 51 17.86 -3.13 2.26
C GLU A 51 18.65 -3.91 3.31
N ARG A 52 18.25 -3.79 4.57
CA ARG A 52 18.92 -4.51 5.66
C ARG A 52 18.16 -5.75 6.14
N ALA A 53 17.06 -6.06 5.47
CA ALA A 53 16.25 -7.23 5.84
C ALA A 53 16.91 -8.55 5.45
N LYS A 54 16.89 -9.51 6.35
CA LYS A 54 17.48 -10.83 6.09
C LYS A 54 16.73 -11.49 4.94
N LEU A 55 15.47 -11.12 4.77
CA LEU A 55 14.64 -11.68 3.70
C LEU A 55 15.15 -11.36 2.30
N LEU A 56 15.61 -10.14 2.09
CA LEU A 56 16.04 -9.71 0.76
C LEU A 56 17.00 -10.65 0.02
N PRO A 57 18.14 -11.03 0.64
CA PRO A 57 19.08 -11.92 -0.05
C PRO A 57 18.45 -13.25 -0.46
N VAL A 58 17.60 -13.80 0.41
CA VAL A 58 16.95 -15.06 0.13
C VAL A 58 15.92 -14.91 -0.99
N LEU A 59 15.18 -13.81 -0.97
CA LEU A 59 14.16 -13.55 -1.99
C LEU A 59 14.84 -13.39 -3.35
N GLU A 60 15.94 -12.64 -3.38
CA GLU A 60 16.66 -12.43 -4.64
C GLU A 60 17.24 -13.76 -5.13
N GLY A 61 17.80 -14.52 -4.19
CA GLY A 61 18.40 -15.81 -4.54
C GLY A 61 17.38 -16.81 -5.04
N ALA A 62 16.17 -16.76 -4.51
CA ALA A 62 15.11 -17.68 -4.89
C ALA A 62 14.40 -17.26 -6.17
N GLY A 63 14.30 -15.95 -6.39
CA GLY A 63 13.63 -15.45 -7.57
C GLY A 63 12.12 -15.66 -7.48
N ALA A 64 11.64 -15.88 -6.26
CA ALA A 64 10.23 -16.12 -6.01
C ALA A 64 9.94 -15.86 -4.53
N PHE A 65 8.68 -15.57 -4.22
CA PHE A 65 8.28 -15.30 -2.85
C PHE A 65 6.77 -15.39 -2.71
N THR A 66 6.29 -15.35 -1.48
CA THR A 66 4.85 -15.39 -1.21
C THR A 66 4.48 -14.18 -0.38
N VAL A 67 3.20 -13.81 -0.45
CA VAL A 67 2.68 -12.70 0.32
C VAL A 67 1.39 -13.19 0.96
N SER A 68 1.34 -13.19 2.29
CA SER A 68 0.15 -13.62 3.01
C SER A 68 -0.53 -12.43 3.65
N LEU A 69 -1.83 -12.29 3.41
CA LEU A 69 -2.61 -11.17 3.95
C LEU A 69 -3.23 -11.64 5.27
N LEU A 70 -2.81 -11.03 6.36
CA LEU A 70 -3.29 -11.43 7.68
C LEU A 70 -4.70 -11.01 8.03
N ARG A 71 -5.40 -11.87 8.75
CA ARG A 71 -6.77 -11.59 9.16
C ARG A 71 -6.83 -11.12 10.60
N GLU A 72 -8.00 -10.64 11.00
CA GLU A 72 -8.21 -10.16 12.35
C GLU A 72 -7.83 -11.25 13.35
N GLY A 73 -7.09 -10.88 14.38
CA GLY A 73 -6.67 -11.84 15.38
C GLY A 73 -5.29 -12.43 15.15
N GLN A 74 -4.64 -12.09 14.05
CA GLN A 74 -3.32 -12.63 13.77
C GLN A 74 -2.16 -11.71 14.17
N GLU A 75 -2.38 -10.90 15.20
CA GLU A 75 -1.35 -9.99 15.69
C GLU A 75 -0.05 -10.73 16.00
N ALA A 76 -0.18 -11.92 16.61
CA ALA A 76 0.98 -12.72 16.97
C ALA A 76 1.86 -13.03 15.76
N VAL A 77 1.23 -13.34 14.64
CA VAL A 77 1.96 -13.65 13.41
C VAL A 77 2.70 -12.41 12.94
N SER A 78 2.01 -11.28 12.96
CA SER A 78 2.61 -10.02 12.54
C SER A 78 3.83 -9.71 13.41
N GLU A 79 3.65 -9.79 14.72
CA GLU A 79 4.74 -9.51 15.65
C GLU A 79 5.92 -10.46 15.44
N HIS A 80 5.64 -11.74 15.32
CA HIS A 80 6.68 -12.74 15.12
C HIS A 80 7.57 -12.43 13.92
N PHE A 81 6.97 -12.22 12.76
CA PHE A 81 7.74 -11.95 11.56
C PHE A 81 8.22 -10.51 11.46
N ALA A 82 7.99 -9.74 12.52
CA ALA A 82 8.43 -8.36 12.58
C ALA A 82 9.72 -8.30 13.39
N GLY A 83 10.19 -9.46 13.83
CA GLY A 83 11.42 -9.51 14.60
C GLY A 83 11.22 -9.75 16.09
N ARG A 84 9.96 -9.91 16.51
CA ARG A 84 9.64 -10.14 17.91
C ARG A 84 9.03 -11.54 18.06
N PRO A 85 9.88 -12.58 18.11
CA PRO A 85 9.51 -13.99 18.25
C PRO A 85 8.30 -14.31 19.13
N LYS A 86 7.43 -15.16 18.61
CA LYS A 86 6.23 -15.59 19.32
C LYS A 86 6.17 -17.12 19.32
N GLU A 87 5.56 -17.68 20.35
CA GLU A 87 5.45 -19.13 20.49
C GLU A 87 4.49 -19.76 19.49
N GLY A 88 4.91 -20.89 18.91
CA GLY A 88 4.07 -21.61 17.96
C GLY A 88 3.81 -20.98 16.61
N ILE A 89 4.59 -19.99 16.22
CA ILE A 89 4.39 -19.34 14.93
C ILE A 89 5.41 -19.85 13.92
N ALA A 90 4.91 -20.39 12.81
CA ALA A 90 5.79 -20.90 11.77
C ALA A 90 5.10 -20.91 10.41
N LEU A 91 5.90 -20.77 9.35
CA LEU A 91 5.37 -20.78 7.99
C LEU A 91 5.07 -22.22 7.59
N GLU A 92 4.04 -22.39 6.77
CA GLU A 92 3.65 -23.70 6.27
C GLU A 92 3.47 -23.56 4.78
N GLU A 93 4.13 -24.41 4.01
CA GLU A 93 4.06 -24.36 2.55
C GLU A 93 4.61 -23.01 2.07
N GLY A 94 5.51 -22.43 2.86
CA GLY A 94 6.12 -21.16 2.49
C GLY A 94 5.25 -19.94 2.70
N ARG A 95 4.15 -20.09 3.43
CA ARG A 95 3.25 -18.97 3.69
C ARG A 95 2.58 -19.09 5.05
N VAL A 96 1.69 -18.16 5.36
CA VAL A 96 0.99 -18.17 6.63
C VAL A 96 -0.35 -18.90 6.47
N LYS A 97 -0.49 -20.04 7.15
CA LYS A 97 -1.72 -20.80 7.08
C LYS A 97 -2.83 -20.01 7.78
N GLY A 98 -4.04 -20.09 7.23
CA GLY A 98 -5.16 -19.38 7.83
C GLY A 98 -5.25 -17.90 7.50
N ALA A 99 -4.47 -17.44 6.52
CA ALA A 99 -4.49 -16.04 6.12
C ALA A 99 -5.71 -15.77 5.23
N LEU A 100 -6.05 -14.50 5.07
CA LEU A 100 -7.17 -14.14 4.22
C LEU A 100 -6.88 -14.55 2.78
N ALA A 101 -5.61 -14.46 2.40
CA ALA A 101 -5.20 -14.82 1.05
C ALA A 101 -3.69 -14.93 0.96
N VAL A 102 -3.23 -15.71 -0.01
CA VAL A 102 -1.80 -15.86 -0.25
C VAL A 102 -1.55 -15.70 -1.74
N LEU A 103 -0.55 -14.89 -2.07
CA LEU A 103 -0.15 -14.67 -3.44
C LEU A 103 1.23 -15.29 -3.60
N ARG A 104 1.37 -16.25 -4.52
CA ARG A 104 2.67 -16.87 -4.75
C ARG A 104 3.20 -16.19 -6.00
N CYS A 105 4.33 -15.50 -5.86
CA CYS A 105 4.91 -14.71 -6.93
C CYS A 105 6.27 -15.13 -7.43
N ARG A 106 6.50 -14.80 -8.70
CA ARG A 106 7.80 -15.01 -9.34
C ARG A 106 8.38 -13.60 -9.26
N LEU A 107 9.67 -13.47 -8.98
CA LEU A 107 10.26 -12.14 -8.92
C LEU A 107 10.27 -11.54 -10.32
N HIS A 108 9.57 -10.41 -10.49
CA HIS A 108 9.46 -9.74 -11.78
C HIS A 108 10.51 -8.66 -11.98
N ALA A 109 10.77 -7.90 -10.93
CA ALA A 109 11.74 -6.81 -11.00
C ALA A 109 12.12 -6.29 -9.63
N LEU A 110 13.27 -5.61 -9.58
CA LEU A 110 13.78 -5.00 -8.36
C LEU A 110 14.21 -3.60 -8.77
N TYR A 111 13.69 -2.58 -8.07
CA TYR A 111 14.04 -1.21 -8.38
C TYR A 111 14.51 -0.49 -7.13
N PRO A 112 15.32 0.58 -7.28
CA PRO A 112 15.81 1.34 -6.14
C PRO A 112 14.66 1.96 -5.33
N GLY A 113 14.82 2.01 -4.02
CA GLY A 113 13.78 2.58 -3.18
C GLY A 113 14.33 3.25 -1.93
N GLY A 114 15.45 3.96 -2.07
CA GLY A 114 16.05 4.61 -0.92
C GLY A 114 16.66 3.57 0.00
N ASP A 115 16.23 3.55 1.25
CA ASP A 115 16.75 2.56 2.18
C ASP A 115 16.00 1.24 2.08
N HIS A 116 15.10 1.16 1.11
CA HIS A 116 14.32 -0.06 0.83
C HIS A 116 14.46 -0.38 -0.64
N ARG A 117 14.11 -1.61 -1.01
CA ARG A 117 14.13 -2.02 -2.39
C ARG A 117 12.67 -2.22 -2.81
N ILE A 118 12.33 -1.77 -4.02
CA ILE A 118 10.98 -1.98 -4.51
C ILE A 118 11.01 -3.37 -5.13
N VAL A 119 10.19 -4.26 -4.58
CA VAL A 119 10.12 -5.64 -5.06
C VAL A 119 8.80 -5.84 -5.81
N VAL A 120 8.90 -6.25 -7.08
CA VAL A 120 7.73 -6.48 -7.91
C VAL A 120 7.55 -7.95 -8.17
N GLY A 121 6.36 -8.46 -7.86
CA GLY A 121 6.10 -9.86 -8.07
C GLY A 121 5.04 -10.11 -9.10
N LEU A 122 5.25 -11.16 -9.90
CA LEU A 122 4.29 -11.57 -10.91
C LEU A 122 3.53 -12.71 -10.23
N VAL A 123 2.24 -12.52 -10.03
CA VAL A 123 1.43 -13.53 -9.34
C VAL A 123 1.17 -14.75 -10.21
N GLU A 124 1.59 -15.93 -9.72
CA GLU A 124 1.43 -17.17 -10.45
C GLU A 124 0.35 -18.08 -9.84
N GLU A 125 0.15 -17.94 -8.54
CA GLU A 125 -0.86 -18.74 -7.83
C GLU A 125 -1.52 -17.91 -6.75
N VAL A 126 -2.78 -18.21 -6.49
CA VAL A 126 -3.52 -17.51 -5.46
C VAL A 126 -4.24 -18.53 -4.57
N GLU A 127 -4.20 -18.28 -3.27
CA GLU A 127 -4.86 -19.14 -2.29
C GLU A 127 -5.79 -18.20 -1.52
N LEU A 128 -7.04 -18.58 -1.40
CA LEU A 128 -8.00 -17.76 -0.68
C LEU A 128 -8.43 -18.50 0.58
N GLY A 129 -8.34 -17.82 1.72
CA GLY A 129 -8.76 -18.44 2.96
C GLY A 129 -10.22 -18.12 3.20
N GLU A 130 -10.69 -18.35 4.42
CA GLU A 130 -12.08 -18.04 4.73
C GLU A 130 -12.25 -16.54 4.73
N GLY A 131 -13.48 -16.09 4.52
CA GLY A 131 -13.76 -14.67 4.52
C GLY A 131 -13.61 -14.13 5.92
N GLY A 132 -13.99 -12.86 6.11
CA GLY A 132 -13.89 -12.26 7.42
C GLY A 132 -13.08 -10.98 7.41
N PRO A 133 -13.03 -10.26 8.54
CA PRO A 133 -12.30 -9.00 8.67
C PRO A 133 -10.78 -9.19 8.67
N PRO A 134 -10.04 -8.15 8.29
CA PRO A 134 -8.57 -8.15 8.22
C PRO A 134 -7.83 -7.60 9.43
N LEU A 135 -6.53 -7.82 9.44
CA LEU A 135 -5.66 -7.27 10.48
C LEU A 135 -5.29 -5.91 9.87
N VAL A 136 -5.48 -4.84 10.60
CA VAL A 136 -5.18 -3.50 10.10
C VAL A 136 -4.18 -2.80 11.00
N TYR A 137 -3.34 -1.97 10.39
CA TYR A 137 -2.37 -1.20 11.15
C TYR A 137 -2.64 0.27 10.84
N PHE A 138 -2.76 1.08 11.88
CA PHE A 138 -3.04 2.50 11.73
C PHE A 138 -2.68 3.18 13.04
N GLN A 139 -2.04 4.35 12.94
CA GLN A 139 -1.63 5.09 14.12
C GLN A 139 -0.88 4.24 15.15
N ARG A 140 0.16 3.57 14.67
CA ARG A 140 1.04 2.76 15.50
C ARG A 140 0.35 1.70 16.37
N GLY A 141 -0.64 1.04 15.81
CA GLY A 141 -1.34 0.01 16.55
C GLY A 141 -2.21 -0.83 15.64
N TYR A 142 -2.52 -2.05 16.09
CA TYR A 142 -3.37 -2.96 15.33
C TYR A 142 -4.80 -2.51 15.57
N ARG A 143 -5.55 -2.37 14.48
CA ARG A 143 -6.93 -1.92 14.56
C ARG A 143 -7.88 -2.93 13.92
N ARG A 144 -9.16 -2.78 14.21
CA ARG A 144 -10.18 -3.65 13.66
C ARG A 144 -11.16 -2.80 12.85
N LEU A 145 -11.73 -3.40 11.82
CA LEU A 145 -12.71 -2.70 11.00
C LEU A 145 -14.09 -2.88 11.59
N VAL A 146 -14.97 -1.92 11.34
CA VAL A 146 -16.34 -2.04 11.78
C VAL A 146 -16.83 -3.11 10.81
N TRP A 147 -17.20 -4.27 11.34
CA TRP A 147 -17.62 -5.40 10.52
C TRP A 147 -18.59 -6.22 11.39
N PRO A 148 -19.77 -5.66 11.66
CA PRO A 148 -20.78 -6.34 12.49
C PRO A 148 -21.59 -7.43 11.81
N SER A 149 -22.20 -8.26 12.65
CA SER A 149 -23.06 -9.34 12.21
C SER A 149 -24.49 -8.93 12.50
N MET B 1 -11.66 -13.24 -16.10
CA MET B 1 -10.21 -13.50 -15.90
C MET B 1 -9.71 -12.88 -14.60
N LYS B 2 -8.67 -13.50 -14.03
CA LYS B 2 -8.04 -13.01 -12.81
C LYS B 2 -8.99 -12.84 -11.62
N GLU B 3 -10.06 -13.64 -11.57
CA GLU B 3 -11.01 -13.53 -10.47
C GLU B 3 -10.38 -13.74 -9.09
N ALA B 4 -9.58 -14.79 -8.93
CA ALA B 4 -8.95 -15.05 -7.64
C ALA B 4 -7.97 -13.96 -7.23
N PHE B 5 -7.20 -13.48 -8.19
CA PHE B 5 -6.24 -12.40 -7.96
C PHE B 5 -6.96 -11.14 -7.49
N LYS B 6 -8.05 -10.79 -8.17
CA LYS B 6 -8.82 -9.61 -7.80
C LYS B 6 -9.44 -9.78 -6.41
N GLU B 7 -9.87 -10.99 -6.08
CA GLU B 7 -10.46 -11.26 -4.78
C GLU B 7 -9.40 -11.12 -3.69
N ALA B 8 -8.19 -11.59 -3.97
CA ALA B 8 -7.11 -11.50 -2.99
C ALA B 8 -6.80 -10.03 -2.71
N LEU B 9 -6.75 -9.22 -3.76
CA LEU B 9 -6.46 -7.80 -3.60
C LEU B 9 -7.59 -7.10 -2.86
N ALA B 10 -8.81 -7.56 -3.05
CA ALA B 10 -9.95 -6.99 -2.37
C ALA B 10 -9.83 -7.27 -0.88
N ARG B 11 -9.00 -8.25 -0.53
CA ARG B 11 -8.79 -8.61 0.87
C ARG B 11 -7.62 -7.87 1.53
N PHE B 12 -7.02 -6.93 0.81
CA PHE B 12 -5.97 -6.12 1.40
C PHE B 12 -6.59 -4.76 1.67
N ALA B 13 -6.81 -4.46 2.94
CA ALA B 13 -7.40 -3.19 3.33
C ALA B 13 -6.40 -2.07 3.18
N SER B 14 -6.89 -0.88 2.89
CA SER B 14 -5.99 0.26 2.77
C SER B 14 -6.73 1.57 2.92
N GLY B 15 -5.96 2.63 3.15
CA GLY B 15 -6.55 3.94 3.23
C GLY B 15 -6.81 4.33 1.78
N VAL B 16 -7.31 5.54 1.58
CA VAL B 16 -7.61 6.01 0.23
C VAL B 16 -6.94 7.36 0.06
N THR B 17 -6.28 7.56 -1.07
CA THR B 17 -5.61 8.83 -1.31
C THR B 17 -6.09 9.45 -2.60
N VAL B 18 -5.77 10.72 -2.77
CA VAL B 18 -6.04 11.45 -3.99
C VAL B 18 -4.67 11.99 -4.36
N VAL B 19 -4.21 11.63 -5.55
CA VAL B 19 -2.92 12.06 -6.06
C VAL B 19 -3.22 13.18 -7.05
N ALA B 20 -2.49 14.28 -6.95
CA ALA B 20 -2.75 15.40 -7.84
C ALA B 20 -1.48 16.07 -8.33
N ALA B 21 -1.59 16.73 -9.49
CA ALA B 21 -0.46 17.45 -10.07
C ALA B 21 -0.99 18.52 -11.00
N ARG B 22 -0.16 19.53 -11.24
CA ARG B 22 -0.53 20.63 -12.12
C ARG B 22 0.60 20.95 -13.08
N LEU B 23 0.22 21.28 -14.31
CA LEU B 23 1.18 21.63 -15.35
C LEU B 23 0.52 22.68 -16.25
N GLY B 24 1.14 23.84 -16.37
CA GLY B 24 0.53 24.88 -17.19
C GLY B 24 -0.83 25.25 -16.65
N GLU B 25 -1.86 25.13 -17.48
CA GLU B 25 -3.22 25.45 -17.07
C GLU B 25 -4.02 24.21 -16.67
N GLU B 26 -3.35 23.07 -16.63
CA GLU B 26 -4.01 21.81 -16.29
C GLU B 26 -3.66 21.29 -14.91
N GLU B 27 -4.67 20.83 -14.18
CA GLU B 27 -4.47 20.23 -12.87
C GLU B 27 -5.44 19.08 -12.78
N ARG B 28 -4.93 17.93 -12.35
CA ARG B 28 -5.76 16.75 -12.23
C ARG B 28 -5.56 16.03 -10.90
N GLY B 29 -6.65 15.44 -10.42
CA GLY B 29 -6.62 14.68 -9.19
C GLY B 29 -7.10 13.27 -9.55
N MET B 30 -6.56 12.26 -8.87
CA MET B 30 -6.92 10.88 -9.15
C MET B 30 -6.92 10.06 -7.87
N THR B 31 -8.00 9.34 -7.62
CA THR B 31 -8.10 8.51 -6.43
C THR B 31 -7.22 7.28 -6.58
N ALA B 32 -6.50 6.93 -5.52
CA ALA B 32 -5.63 5.77 -5.55
C ALA B 32 -5.50 5.11 -4.19
N THR B 33 -5.62 3.79 -4.17
CA THR B 33 -5.44 3.03 -2.94
C THR B 33 -4.02 2.43 -3.00
N ALA B 34 -3.45 2.40 -4.20
CA ALA B 34 -2.10 1.85 -4.40
C ALA B 34 -1.05 2.89 -4.02
N PHE B 35 -0.81 2.99 -2.71
CA PHE B 35 0.12 3.92 -2.10
C PHE B 35 0.79 3.20 -0.95
N MET B 36 2.07 3.47 -0.73
CA MET B 36 2.77 2.86 0.39
C MET B 36 4.01 3.65 0.74
N SER B 37 4.41 3.61 2.01
CA SER B 37 5.64 4.27 2.41
C SER B 37 6.74 3.44 1.76
N LEU B 38 7.85 4.08 1.42
CA LEU B 38 8.94 3.38 0.78
C LEU B 38 10.29 3.50 1.48
N SER B 39 10.66 4.72 1.85
CA SER B 39 11.94 4.95 2.49
C SER B 39 11.91 6.05 3.53
N LEU B 40 12.79 5.95 4.52
CA LEU B 40 12.90 6.95 5.58
C LEU B 40 13.96 7.96 5.15
N GLU B 41 15.11 7.45 4.70
CA GLU B 41 16.20 8.31 4.24
C GLU B 41 16.73 7.82 2.89
N PRO B 42 16.39 8.54 1.81
CA PRO B 42 15.55 9.74 1.82
C PRO B 42 14.09 9.39 2.09
N PRO B 43 13.27 10.41 2.42
CA PRO B 43 11.84 10.19 2.70
C PRO B 43 11.09 9.97 1.40
N LEU B 44 10.77 8.71 1.09
CA LEU B 44 10.08 8.38 -0.15
C LEU B 44 8.79 7.60 0.03
N VAL B 45 7.88 7.79 -0.92
CA VAL B 45 6.62 7.06 -0.96
C VAL B 45 6.48 6.54 -2.39
N ALA B 46 5.74 5.45 -2.54
CA ALA B 46 5.52 4.86 -3.86
C ALA B 46 4.04 4.71 -4.13
N LEU B 47 3.67 4.80 -5.40
CA LEU B 47 2.28 4.64 -5.80
C LEU B 47 2.20 4.04 -7.19
N ALA B 48 1.04 3.47 -7.51
CA ALA B 48 0.83 2.88 -8.82
C ALA B 48 -0.21 3.73 -9.53
N VAL B 49 0.17 4.28 -10.67
CA VAL B 49 -0.73 5.12 -11.46
C VAL B 49 -0.95 4.46 -12.82
N SER B 50 -2.22 4.29 -13.20
CA SER B 50 -2.54 3.66 -14.47
C SER B 50 -1.83 4.32 -15.64
N GLU B 51 -1.34 3.50 -16.56
CA GLU B 51 -0.64 4.02 -17.74
C GLU B 51 -1.57 4.85 -18.62
N ARG B 52 -2.88 4.72 -18.39
CA ARG B 52 -3.84 5.49 -19.17
C ARG B 52 -4.51 6.59 -18.35
N ALA B 53 -4.01 6.84 -17.14
CA ALA B 53 -4.59 7.88 -16.30
C ALA B 53 -4.28 9.25 -16.88
N LYS B 54 -5.27 10.14 -16.91
CA LYS B 54 -5.06 11.48 -17.43
C LYS B 54 -4.07 12.23 -16.55
N LEU B 55 -3.96 11.79 -15.30
CA LEU B 55 -3.05 12.41 -14.35
C LEU B 55 -1.57 12.18 -14.69
N LEU B 56 -1.26 11.00 -15.22
CA LEU B 56 0.13 10.65 -15.49
C LEU B 56 0.97 11.65 -16.28
N PRO B 57 0.51 12.07 -17.47
CA PRO B 57 1.31 13.05 -18.23
C PRO B 57 1.51 14.37 -17.50
N VAL B 58 0.50 14.78 -16.73
CA VAL B 58 0.58 16.02 -15.97
C VAL B 58 1.62 15.89 -14.88
N LEU B 59 1.59 14.77 -14.16
CA LEU B 59 2.54 14.50 -13.09
C LEU B 59 3.97 14.39 -13.64
N GLU B 60 4.13 13.72 -14.77
CA GLU B 60 5.44 13.58 -15.40
C GLU B 60 6.00 14.93 -15.82
N GLY B 61 5.16 15.74 -16.46
CA GLY B 61 5.59 17.05 -16.92
C GLY B 61 5.89 18.02 -15.80
N ALA B 62 5.14 17.92 -14.71
CA ALA B 62 5.32 18.81 -13.57
C ALA B 62 6.54 18.45 -12.73
N GLY B 63 6.85 17.16 -12.66
CA GLY B 63 7.99 16.72 -11.87
C GLY B 63 7.72 16.86 -10.39
N ALA B 64 6.44 16.97 -10.04
CA ALA B 64 6.02 17.12 -8.64
C ALA B 64 4.54 16.78 -8.56
N PHE B 65 4.10 16.39 -7.36
CA PHE B 65 2.70 16.03 -7.14
C PHE B 65 2.38 16.02 -5.66
N THR B 66 1.11 15.89 -5.34
CA THR B 66 0.69 15.84 -3.95
C THR B 66 -0.10 14.55 -3.73
N VAL B 67 -0.12 14.10 -2.48
CA VAL B 67 -0.86 12.92 -2.09
C VAL B 67 -1.64 13.29 -0.84
N SER B 68 -2.96 13.22 -0.92
CA SER B 68 -3.82 13.54 0.21
C SER B 68 -4.42 12.26 0.76
N LEU B 69 -4.24 12.03 2.07
CA LEU B 69 -4.78 10.84 2.73
C LEU B 69 -6.17 11.21 3.24
N LEU B 70 -7.20 10.58 2.69
CA LEU B 70 -8.57 10.90 3.05
C LEU B 70 -9.02 10.42 4.42
N ARG B 71 -9.83 11.23 5.09
CA ARG B 71 -10.32 10.87 6.40
C ARG B 71 -11.72 10.31 6.30
N GLU B 72 -12.19 9.74 7.41
CA GLU B 72 -13.52 9.18 7.47
C GLU B 72 -14.52 10.27 7.08
N GLY B 73 -15.49 9.91 6.24
CA GLY B 73 -16.48 10.88 5.81
C GLY B 73 -16.19 11.53 4.47
N GLN B 74 -15.02 11.24 3.88
CA GLN B 74 -14.66 11.83 2.60
C GLN B 74 -14.89 10.91 1.40
N GLU B 75 -15.86 10.01 1.52
CA GLU B 75 -16.18 9.09 0.43
C GLU B 75 -16.50 9.84 -0.87
N ALA B 76 -17.21 10.96 -0.77
CA ALA B 76 -17.57 11.72 -1.95
C ALA B 76 -16.33 12.21 -2.70
N VAL B 77 -15.28 12.55 -1.95
CA VAL B 77 -14.04 13.01 -2.56
C VAL B 77 -13.40 11.86 -3.32
N SER B 78 -13.37 10.68 -2.70
CA SER B 78 -12.81 9.49 -3.33
C SER B 78 -13.55 9.18 -4.61
N GLU B 79 -14.89 9.15 -4.54
CA GLU B 79 -15.71 8.86 -5.70
C GLU B 79 -15.49 9.87 -6.83
N HIS B 80 -15.47 11.15 -6.47
CA HIS B 80 -15.27 12.21 -7.44
C HIS B 80 -13.98 12.03 -8.23
N PHE B 81 -12.87 11.88 -7.52
CA PHE B 81 -11.59 11.73 -8.21
C PHE B 81 -11.36 10.33 -8.77
N ALA B 82 -12.35 9.48 -8.62
CA ALA B 82 -12.29 8.12 -9.15
C ALA B 82 -13.07 8.03 -10.45
N GLY B 83 -13.67 9.14 -10.87
CA GLY B 83 -14.41 9.15 -12.11
C GLY B 83 -15.92 9.24 -11.99
N ARG B 84 -16.42 9.45 -10.77
CA ARG B 84 -17.85 9.58 -10.54
C ARG B 84 -18.06 10.93 -9.87
N PRO B 85 -18.14 12.00 -10.68
CA PRO B 85 -18.33 13.38 -10.23
C PRO B 85 -19.35 13.61 -9.12
N LYS B 86 -18.97 14.47 -8.17
CA LYS B 86 -19.80 14.83 -7.04
C LYS B 86 -19.85 16.35 -6.96
N GLU B 87 -21.03 16.89 -6.67
CA GLU B 87 -21.20 18.33 -6.59
C GLU B 87 -20.28 19.02 -5.60
N GLY B 88 -19.63 20.08 -6.06
CA GLY B 88 -18.75 20.88 -5.21
C GLY B 88 -17.39 20.36 -4.82
N ILE B 89 -17.01 19.18 -5.28
CA ILE B 89 -15.71 18.64 -4.93
C ILE B 89 -14.62 19.21 -5.84
N ALA B 90 -13.55 19.70 -5.23
CA ALA B 90 -12.45 20.29 -5.98
C ALA B 90 -11.21 20.36 -5.12
N LEU B 91 -10.06 20.46 -5.78
CA LEU B 91 -8.79 20.58 -5.09
C LEU B 91 -8.62 22.02 -4.64
N GLU B 92 -7.87 22.21 -3.55
CA GLU B 92 -7.58 23.53 -3.01
C GLU B 92 -6.09 23.50 -2.70
N GLU B 93 -5.36 24.48 -3.24
CA GLU B 93 -3.92 24.53 -3.03
C GLU B 93 -3.25 23.25 -3.56
N GLY B 94 -3.82 22.70 -4.62
CA GLY B 94 -3.27 21.50 -5.23
C GLY B 94 -3.46 20.19 -4.49
N ARG B 95 -4.30 20.19 -3.47
CA ARG B 95 -4.56 18.97 -2.70
C ARG B 95 -5.99 18.97 -2.16
N VAL B 96 -6.31 17.96 -1.36
CA VAL B 96 -7.64 17.86 -0.77
C VAL B 96 -7.66 18.50 0.61
N LYS B 97 -8.45 19.56 0.77
CA LYS B 97 -8.55 20.23 2.06
C LYS B 97 -9.29 19.32 3.03
N GLY B 98 -8.92 19.36 4.31
CA GLY B 98 -9.58 18.52 5.29
C GLY B 98 -9.11 17.09 5.35
N ALA B 99 -8.06 16.76 4.61
CA ALA B 99 -7.52 15.41 4.61
C ALA B 99 -6.73 15.16 5.88
N LEU B 100 -6.50 13.88 6.21
CA LEU B 100 -5.74 13.53 7.41
C LEU B 100 -4.31 14.05 7.27
N ALA B 101 -3.80 14.04 6.05
CA ALA B 101 -2.45 14.50 5.80
C ALA B 101 -2.24 14.70 4.31
N VAL B 102 -1.30 15.56 3.98
CA VAL B 102 -0.93 15.82 2.60
C VAL B 102 0.57 15.76 2.49
N LEU B 103 1.05 15.07 1.46
CA LEU B 103 2.46 14.95 1.20
C LEU B 103 2.73 15.67 -0.11
N ARG B 104 3.56 16.70 -0.08
CA ARG B 104 3.91 17.41 -1.31
C ARG B 104 5.24 16.80 -1.70
N CYS B 105 5.26 16.15 -2.87
CA CYS B 105 6.43 15.45 -3.34
C CYS B 105 7.07 15.95 -4.62
N ARG B 106 8.36 15.70 -4.71
CA ARG B 106 9.13 16.00 -5.91
C ARG B 106 9.13 14.63 -6.59
N LEU B 107 9.01 14.60 -7.91
CA LEU B 107 9.02 13.32 -8.61
C LEU B 107 10.45 12.82 -8.54
N HIS B 108 10.65 11.72 -7.81
CA HIS B 108 11.97 11.14 -7.60
C HIS B 108 12.40 10.16 -8.68
N ALA B 109 11.50 9.26 -9.05
CA ALA B 109 11.79 8.25 -10.08
C ALA B 109 10.50 7.60 -10.54
N LEU B 110 10.56 6.99 -11.73
CA LEU B 110 9.42 6.28 -12.30
C LEU B 110 9.97 4.95 -12.81
N TYR B 111 9.15 3.91 -12.74
CA TYR B 111 9.56 2.59 -13.20
C TYR B 111 8.38 1.89 -13.86
N PRO B 112 8.67 1.01 -14.83
CA PRO B 112 7.58 0.29 -15.50
C PRO B 112 6.82 -0.53 -14.46
N GLY B 113 5.51 -0.70 -14.68
CA GLY B 113 4.71 -1.47 -13.74
C GLY B 113 3.58 -2.20 -14.43
N GLY B 114 3.84 -2.77 -15.60
CA GLY B 114 2.80 -3.49 -16.32
C GLY B 114 1.84 -2.48 -16.92
N ASP B 115 0.56 -2.56 -16.53
CA ASP B 115 -0.41 -1.61 -17.06
C ASP B 115 -0.48 -0.36 -16.20
N HIS B 116 0.44 -0.27 -15.23
CA HIS B 116 0.56 0.89 -14.35
C HIS B 116 2.01 1.33 -14.33
N ARG B 117 2.23 2.54 -13.83
CA ARG B 117 3.59 3.07 -13.70
C ARG B 117 3.87 3.18 -12.21
N ILE B 118 5.07 2.78 -11.79
CA ILE B 118 5.44 2.91 -10.38
C ILE B 118 5.95 4.34 -10.29
N VAL B 119 5.34 5.11 -9.39
CA VAL B 119 5.71 6.50 -9.18
C VAL B 119 6.33 6.67 -7.80
N VAL B 120 7.54 7.20 -7.75
CA VAL B 120 8.22 7.41 -6.48
C VAL B 120 8.35 8.90 -6.20
N GLY B 121 7.86 9.31 -5.04
CA GLY B 121 7.95 10.71 -4.68
C GLY B 121 8.85 10.95 -3.48
N LEU B 122 9.60 12.04 -3.54
CA LEU B 122 10.49 12.44 -2.45
C LEU B 122 9.68 13.50 -1.69
N VAL B 123 9.34 13.22 -0.45
CA VAL B 123 8.54 14.16 0.34
C VAL B 123 9.32 15.42 0.73
N GLU B 124 8.83 16.56 0.28
CA GLU B 124 9.46 17.84 0.59
C GLU B 124 8.68 18.63 1.62
N GLU B 125 7.36 18.43 1.65
CA GLU B 125 6.51 19.12 2.61
C GLU B 125 5.43 18.19 3.13
N VAL B 126 5.04 18.38 4.38
CA VAL B 126 3.98 17.59 5.01
C VAL B 126 2.97 18.51 5.66
N GLU B 127 1.70 18.27 5.39
CA GLU B 127 0.61 19.04 6.00
C GLU B 127 -0.21 18.04 6.78
N LEU B 128 -0.36 18.26 8.08
CA LEU B 128 -1.14 17.36 8.92
C LEU B 128 -2.49 17.96 9.27
N GLY B 129 -3.56 17.23 8.99
CA GLY B 129 -4.88 17.71 9.33
C GLY B 129 -5.13 17.40 10.78
N GLU B 130 -6.32 17.72 11.28
CA GLU B 130 -6.64 17.44 12.66
C GLU B 130 -6.79 15.92 12.76
N GLY B 131 -6.29 15.35 13.84
CA GLY B 131 -6.36 13.90 14.03
C GLY B 131 -7.75 13.29 13.95
N GLY B 132 -7.81 12.03 13.52
CA GLY B 132 -9.09 11.35 13.41
C GLY B 132 -9.00 10.06 12.61
N PRO B 133 -10.10 9.30 12.52
CA PRO B 133 -10.14 8.02 11.78
C PRO B 133 -10.07 8.25 10.28
N PRO B 134 -9.56 7.25 9.54
CA PRO B 134 -9.40 7.30 8.09
C PRO B 134 -10.52 6.70 7.24
N LEU B 135 -10.45 7.00 5.95
CA LEU B 135 -11.39 6.42 4.99
C LEU B 135 -10.65 5.14 4.62
N VAL B 136 -11.35 4.01 4.63
CA VAL B 136 -10.73 2.73 4.33
C VAL B 136 -11.47 2.04 3.19
N TYR B 137 -10.74 1.26 2.39
CA TYR B 137 -11.35 0.49 1.32
C TYR B 137 -10.96 -0.96 1.54
N PHE B 138 -11.95 -1.85 1.50
CA PHE B 138 -11.72 -3.28 1.72
C PHE B 138 -12.95 -4.02 1.23
N GLN B 139 -12.74 -5.14 0.55
CA GLN B 139 -13.84 -5.94 0.02
C GLN B 139 -14.83 -5.13 -0.80
N ARG B 140 -14.29 -4.40 -1.77
CA ARG B 140 -15.07 -3.60 -2.72
C ARG B 140 -16.07 -2.64 -2.09
N GLY B 141 -15.64 -1.97 -1.04
CA GLY B 141 -16.51 -1.00 -0.38
C GLY B 141 -15.76 -0.14 0.62
N TYR B 142 -16.31 1.03 0.90
CA TYR B 142 -15.71 1.93 1.87
C TYR B 142 -16.02 1.38 3.25
N ARG B 143 -15.02 1.41 4.12
CA ARG B 143 -15.16 0.90 5.47
C ARG B 143 -14.69 1.91 6.49
N ARG B 144 -14.98 1.61 7.75
CA ARG B 144 -14.57 2.43 8.87
C ARG B 144 -13.82 1.59 9.87
N LEU B 145 -12.94 2.23 10.63
CA LEU B 145 -12.19 1.54 11.67
C LEU B 145 -12.95 1.64 12.98
N VAL B 146 -12.79 0.64 13.83
CA VAL B 146 -13.40 0.69 15.15
C VAL B 146 -12.39 1.64 15.81
N TRP B 147 -12.85 2.82 16.20
CA TRP B 147 -11.96 3.83 16.75
C TRP B 147 -12.65 4.67 17.81
N PRO B 148 -11.95 4.99 18.91
CA PRO B 148 -10.57 4.65 19.27
C PRO B 148 -10.41 3.23 19.84
N SER B 149 -9.15 2.83 20.00
CA SER B 149 -8.84 1.52 20.57
C SER B 149 -7.38 1.51 21.03
#